data_5FSB
#
_entry.id   5FSB
#
_cell.length_a   69.058
_cell.length_b   69.058
_cell.length_c   349.211
_cell.angle_alpha   90.00
_cell.angle_beta   90.00
_cell.angle_gamma   120.00
#
_symmetry.space_group_name_H-M   'H 3 2'
#
loop_
_entity.id
_entity.type
_entity.pdbx_description
1 polymer 'TECTONIN 2'
2 non-polymer 'MAGNESIUM ION'
3 non-polymer 'methyl 1-seleno-2-O-methyl-beta-L-fucopyranoside'
4 non-polymer 'SULFATE ION'
5 non-polymer 'BORIC ACID'
6 water water
#
_entity_poly.entity_id   1
_entity_poly.type   'polypeptide(L)'
_entity_poly.pdbx_seq_one_letter_code
;MPWKGISGSLSRISAGSVTNVWGVNAANNIYRYTGDDAKPWVQIPGALTDIGAAADGTVWGVNAAGNIYRYVWDSNHWTQ
IKGALKRISAGSRTNVWGVNAGGAIYRYTGDDANPWVQIPGVLSDIGAGADGTVWGVNAAGEIYRYTGDQGDPNHWVKIP
GALSAISAGIKTNVWGVNSANNIYTSTGDDKNPWLGIGGSLVDIGAGTDGVVWGVNAGGGIYRWIRD
;
_entity_poly.pdbx_strand_id   A,B
#
loop_
_chem_comp.id
_chem_comp.type
_chem_comp.name
_chem_comp.formula
6YR L-saccharide 'methyl 1-seleno-2-O-methyl-beta-L-fucopyranoside' 'C8 H16 O4 Se'
BO3 non-polymer 'BORIC ACID' 'B H3 O3'
MG non-polymer 'MAGNESIUM ION' 'Mg 2'
SO4 non-polymer 'SULFATE ION' 'O4 S -2'
#
# COMPACT_ATOMS: atom_id res chain seq x y z
N PRO A 2 11.67 24.27 -15.06
CA PRO A 2 11.62 25.37 -14.10
C PRO A 2 10.28 25.34 -13.36
N TRP A 3 10.09 26.26 -12.46
CA TRP A 3 8.85 26.32 -11.70
C TRP A 3 7.87 27.30 -12.31
N LYS A 4 6.60 26.91 -12.30
CA LYS A 4 5.48 27.77 -12.61
C LYS A 4 4.87 28.26 -11.32
N GLY A 5 4.72 29.57 -11.18
CA GLY A 5 4.02 30.09 -10.03
C GLY A 5 2.52 29.95 -10.13
N ILE A 6 1.88 29.49 -9.06
CA ILE A 6 0.47 29.24 -8.96
C ILE A 6 -0.12 30.17 -7.93
N SER A 7 -1.27 30.79 -8.15
CA SER A 7 -1.74 31.77 -7.20
C SER A 7 -2.16 31.12 -5.90
N GLY A 8 -2.22 31.94 -4.88
CA GLY A 8 -2.58 31.53 -3.53
C GLY A 8 -1.42 31.53 -2.55
N SER A 9 -1.66 31.05 -1.35
N SER A 9 -1.67 31.10 -1.32
CA SER A 9 -0.65 31.01 -0.29
CA SER A 9 -0.64 31.02 -0.26
C SER A 9 -0.80 29.73 0.49
C SER A 9 -0.80 29.72 0.49
N LEU A 10 0.29 28.98 0.64
CA LEU A 10 0.25 27.73 1.40
C LEU A 10 1.55 27.59 2.20
N SER A 11 1.49 26.83 3.27
N SER A 11 1.49 26.82 3.27
CA SER A 11 2.65 26.61 4.15
CA SER A 11 2.59 26.59 4.19
C SER A 11 3.20 25.18 4.11
C SER A 11 3.20 25.19 4.08
N ARG A 12 2.35 24.20 3.79
CA ARG A 12 2.78 22.81 3.54
C ARG A 12 1.95 22.26 2.41
N ILE A 13 2.50 21.30 1.71
CA ILE A 13 1.87 20.77 0.49
C ILE A 13 2.19 19.31 0.32
N SER A 14 1.26 18.57 -0.31
CA SER A 14 1.50 17.19 -0.65
C SER A 14 0.85 16.91 -2.00
N ALA A 15 1.59 16.15 -2.82
CA ALA A 15 1.11 15.78 -4.16
C ALA A 15 1.23 14.30 -4.30
N GLY A 16 0.15 13.64 -4.59
CA GLY A 16 0.14 12.21 -4.85
C GLY A 16 0.12 11.90 -6.34
N SER A 17 -0.56 12.76 -7.09
CA SER A 17 -0.72 12.66 -8.54
C SER A 17 -1.12 14.02 -9.02
N VAL A 18 -1.16 14.19 -10.34
CA VAL A 18 -1.51 15.50 -10.90
C VAL A 18 -2.96 15.84 -10.47
N THR A 19 -3.80 14.85 -10.17
CA THR A 19 -5.18 15.11 -9.75
C THR A 19 -5.43 14.97 -8.26
N ASN A 20 -4.42 14.80 -7.42
CA ASN A 20 -4.65 14.78 -5.96
C ASN A 20 -3.52 15.51 -5.25
N VAL A 21 -3.69 16.82 -5.11
CA VAL A 21 -2.70 17.71 -4.54
C VAL A 21 -3.43 18.55 -3.52
N TRP A 22 -2.92 18.57 -2.30
CA TRP A 22 -3.57 19.29 -1.20
C TRP A 22 -2.54 20.08 -0.45
N GLY A 23 -3.00 21.11 0.20
CA GLY A 23 -2.11 21.91 1.09
C GLY A 23 -2.83 22.52 2.25
N VAL A 24 -2.03 23.11 3.13
CA VAL A 24 -2.56 23.89 4.27
C VAL A 24 -1.91 25.25 4.27
N ASN A 25 -2.61 26.28 4.73
CA ASN A 25 -2.02 27.60 4.81
C ASN A 25 -1.62 27.89 6.26
N ALA A 26 -1.07 29.10 6.47
CA ALA A 26 -0.54 29.47 7.77
C ALA A 26 -1.67 29.55 8.81
N ALA A 27 -2.90 29.77 8.38
CA ALA A 27 -4.05 29.79 9.25
C ALA A 27 -4.65 28.40 9.54
N ASN A 28 -4.05 27.37 8.94
CA ASN A 28 -4.45 26.02 9.08
C ASN A 28 -5.67 25.66 8.25
N ASN A 29 -6.05 26.52 7.31
CA ASN A 29 -7.09 26.16 6.35
C ASN A 29 -6.54 25.14 5.38
N ILE A 30 -7.46 24.30 4.85
CA ILE A 30 -7.14 23.18 3.97
C ILE A 30 -7.60 23.49 2.56
N TYR A 31 -6.75 23.23 1.53
CA TYR A 31 -7.10 23.44 0.16
C TYR A 31 -6.71 22.24 -0.69
N ARG A 32 -7.57 21.98 -1.67
CA ARG A 32 -7.33 20.99 -2.69
C ARG A 32 -7.17 21.65 -4.05
N TYR A 33 -6.17 21.19 -4.83
CA TYR A 33 -5.96 21.67 -6.19
C TYR A 33 -7.07 21.22 -7.16
N THR A 34 -7.55 22.17 -7.93
CA THR A 34 -8.74 21.94 -8.73
C THR A 34 -8.44 21.37 -10.07
N GLY A 35 -7.23 21.52 -10.58
CA GLY A 35 -6.86 21.18 -11.93
C GLY A 35 -6.94 22.35 -12.89
N ASP A 36 -7.33 23.53 -12.41
CA ASP A 36 -7.36 24.72 -13.28
C ASP A 36 -6.52 25.80 -12.66
N ASP A 37 -5.39 26.10 -13.29
CA ASP A 37 -4.50 27.10 -12.72
C ASP A 37 -5.12 28.50 -12.68
N ALA A 38 -6.20 28.74 -13.41
CA ALA A 38 -6.91 30.00 -13.28
C ALA A 38 -7.66 30.12 -11.98
N LYS A 39 -8.08 28.99 -11.39
CA LYS A 39 -8.86 28.97 -10.12
C LYS A 39 -8.36 27.74 -9.36
N PRO A 40 -7.13 27.83 -8.84
CA PRO A 40 -6.41 26.59 -8.49
C PRO A 40 -6.83 25.87 -7.24
N TRP A 41 -7.44 26.57 -6.29
CA TRP A 41 -7.72 25.98 -4.92
C TRP A 41 -9.17 26.04 -4.57
N VAL A 42 -9.66 24.98 -3.92
CA VAL A 42 -10.97 24.99 -3.28
C VAL A 42 -10.73 24.68 -1.81
N GLN A 43 -11.32 25.46 -0.90
CA GLN A 43 -11.11 25.20 0.50
C GLN A 43 -11.97 24.00 0.92
N ILE A 44 -11.36 23.05 1.59
CA ILE A 44 -12.05 21.91 2.15
C ILE A 44 -12.23 22.19 3.64
N PRO A 45 -13.47 22.03 4.17
CA PRO A 45 -13.63 22.37 5.60
C PRO A 45 -12.72 21.58 6.53
N GLY A 46 -12.28 22.23 7.61
CA GLY A 46 -11.47 21.62 8.62
C GLY A 46 -10.25 22.45 8.92
N ALA A 47 -9.39 21.99 9.80
CA ALA A 47 -8.14 22.72 10.16
C ALA A 47 -7.03 21.70 10.27
N LEU A 48 -5.94 21.94 9.54
CA LEU A 48 -4.75 21.07 9.57
C LEU A 48 -3.48 21.84 9.50
N THR A 49 -2.40 21.20 9.99
CA THR A 49 -1.05 21.76 9.93
C THR A 49 -0.10 20.96 9.05
N ASP A 50 -0.42 19.69 8.78
CA ASP A 50 0.32 18.90 7.76
C ASP A 50 -0.70 17.98 7.05
N ILE A 51 -0.34 17.59 5.83
CA ILE A 51 -1.21 16.81 4.99
C ILE A 51 -0.41 15.91 4.07
N GLY A 52 -0.97 14.73 3.82
CA GLY A 52 -0.45 13.76 2.84
C GLY A 52 -1.50 13.30 1.90
N ALA A 53 -1.26 13.43 0.61
CA ALA A 53 -2.26 13.07 -0.41
C ALA A 53 -1.62 12.08 -1.35
N ALA A 54 -2.31 10.96 -1.53
CA ALA A 54 -1.81 9.85 -2.36
C ALA A 54 -2.45 9.79 -3.75
N ALA A 55 -1.74 9.11 -4.66
CA ALA A 55 -2.23 8.92 -6.03
C ALA A 55 -3.54 8.19 -6.08
N ASP A 56 -3.79 7.29 -5.09
CA ASP A 56 -5.03 6.54 -5.05
C ASP A 56 -6.23 7.30 -4.48
N GLY A 57 -6.01 8.55 -4.07
CA GLY A 57 -7.07 9.39 -3.50
C GLY A 57 -7.01 9.51 -2.00
N THR A 58 -6.20 8.64 -1.34
CA THR A 58 -6.15 8.67 0.12
C THR A 58 -5.60 10.01 0.57
N VAL A 59 -6.23 10.65 1.58
CA VAL A 59 -5.70 11.87 2.12
C VAL A 59 -5.76 11.81 3.66
N TRP A 60 -4.60 12.06 4.28
CA TRP A 60 -4.50 12.10 5.70
C TRP A 60 -3.96 13.47 6.16
N GLY A 61 -4.30 13.87 7.38
CA GLY A 61 -3.78 15.13 7.89
C GLY A 61 -3.63 15.12 9.40
N VAL A 62 -2.91 16.11 9.92
CA VAL A 62 -2.80 16.29 11.38
C VAL A 62 -3.04 17.75 11.62
N ASN A 63 -3.54 18.10 12.82
CA ASN A 63 -3.76 19.50 13.17
C ASN A 63 -2.80 19.98 14.21
N ALA A 64 -3.00 21.23 14.65
CA ALA A 64 -2.02 21.86 15.53
C ALA A 64 -1.94 21.15 16.88
N ALA A 65 -3.04 20.59 17.33
CA ALA A 65 -3.11 19.80 18.54
C ALA A 65 -2.50 18.44 18.49
N GLY A 66 -2.18 18.00 17.25
CA GLY A 66 -1.69 16.65 17.03
C GLY A 66 -2.74 15.63 16.62
N ASN A 67 -4.01 16.06 16.55
CA ASN A 67 -5.05 15.16 16.16
C ASN A 67 -4.87 14.70 14.71
N ILE A 68 -5.24 13.45 14.44
CA ILE A 68 -5.03 12.78 13.16
C ILE A 68 -6.35 12.54 12.46
N TYR A 69 -6.40 12.88 11.18
CA TYR A 69 -7.61 12.74 10.41
C TYR A 69 -7.36 12.05 9.07
N ARG A 70 -8.38 11.34 8.63
CA ARG A 70 -8.41 10.73 7.27
C ARG A 70 -9.62 11.28 6.55
N TYR A 71 -9.44 11.70 5.30
CA TYR A 71 -10.57 12.21 4.52
C TYR A 71 -11.48 11.03 4.13
N VAL A 72 -12.79 11.23 4.25
CA VAL A 72 -13.72 10.08 3.97
C VAL A 72 -14.51 10.25 2.69
N TRP A 73 -14.25 11.31 1.94
CA TRP A 73 -14.84 11.46 0.59
C TRP A 73 -16.38 11.40 0.61
N ASP A 74 -16.96 12.02 1.63
CA ASP A 74 -18.38 12.18 1.75
C ASP A 74 -18.67 13.42 2.59
N SER A 75 -19.94 13.71 2.84
CA SER A 75 -20.31 15.00 3.41
C SER A 75 -19.83 15.21 4.87
N ASN A 76 -19.35 14.17 5.56
CA ASN A 76 -18.68 14.28 6.86
C ASN A 76 -17.25 14.79 6.77
N HIS A 77 -16.62 14.66 5.59
CA HIS A 77 -15.32 15.15 5.27
C HIS A 77 -14.25 14.31 5.93
N TRP A 78 -14.13 14.38 7.26
CA TRP A 78 -12.96 13.79 8.00
C TRP A 78 -13.37 12.84 9.11
N THR A 79 -12.56 11.82 9.34
CA THR A 79 -12.73 10.99 10.52
C THR A 79 -11.48 11.08 11.33
N GLN A 80 -11.61 11.24 12.64
CA GLN A 80 -10.44 11.28 13.54
C GLN A 80 -9.98 9.90 13.88
N ILE A 81 -8.68 9.70 13.75
CA ILE A 81 -8.03 8.44 14.04
C ILE A 81 -7.23 8.59 15.31
N LYS A 82 -7.32 7.65 16.24
CA LYS A 82 -6.66 7.83 17.54
C LYS A 82 -5.15 7.96 17.41
N GLY A 83 -4.56 8.73 18.31
CA GLY A 83 -3.15 8.99 18.28
C GLY A 83 -2.80 10.44 18.16
N ALA A 84 -1.47 10.72 18.15
CA ALA A 84 -0.99 12.09 18.00
C ALA A 84 0.19 12.07 17.04
N LEU A 85 0.16 12.94 16.07
CA LEU A 85 1.27 13.06 15.11
C LEU A 85 1.49 14.54 14.79
N LYS A 86 2.69 14.86 14.31
CA LYS A 86 3.08 16.22 13.93
CA LYS A 86 3.08 16.22 13.93
C LYS A 86 3.28 16.36 12.40
N ARG A 87 3.77 15.32 11.75
CA ARG A 87 3.96 15.29 10.29
C ARG A 87 3.40 13.97 9.78
N ILE A 88 2.89 13.99 8.56
CA ILE A 88 2.23 12.80 8.00
C ILE A 88 2.43 12.76 6.48
N SER A 89 2.44 11.54 5.98
CA SER A 89 2.57 11.29 4.50
C SER A 89 1.81 10.06 4.13
N ALA A 90 1.04 10.12 3.03
CA ALA A 90 0.28 9.01 2.57
C ALA A 90 0.74 8.66 1.17
N GLY A 91 1.42 7.55 1.05
CA GLY A 91 1.75 7.03 -0.28
C GLY A 91 0.61 6.38 -1.02
N SER A 92 -0.25 5.74 -0.26
CA SER A 92 -1.46 5.03 -0.73
C SER A 92 -2.29 4.68 0.52
N ARG A 93 -3.46 4.10 0.28
CA ARG A 93 -4.29 3.57 1.37
C ARG A 93 -3.52 2.66 2.32
N THR A 94 -2.57 1.90 1.79
CA THR A 94 -1.83 0.87 2.52
C THR A 94 -0.42 1.31 3.00
N ASN A 95 -0.02 2.56 2.73
CA ASN A 95 1.31 3.02 3.06
C ASN A 95 1.26 4.44 3.60
N VAL A 96 0.89 4.54 4.90
CA VAL A 96 0.72 5.84 5.56
C VAL A 96 1.65 5.88 6.80
N TRP A 97 2.43 6.93 6.86
CA TRP A 97 3.43 7.05 7.96
C TRP A 97 3.34 8.43 8.56
N GLY A 98 3.78 8.55 9.80
CA GLY A 98 3.85 9.85 10.45
C GLY A 98 4.97 9.89 11.47
N VAL A 99 5.20 11.11 11.94
CA VAL A 99 6.21 11.38 12.98
C VAL A 99 5.49 12.20 14.06
N ASN A 100 5.70 11.83 15.32
CA ASN A 100 5.05 12.56 16.39
C ASN A 100 5.95 13.69 16.89
N ALA A 101 5.43 14.46 17.82
CA ALA A 101 6.16 15.64 18.32
C ALA A 101 7.45 15.31 19.04
N GLY A 102 7.61 14.11 19.55
CA GLY A 102 8.85 13.66 20.09
C GLY A 102 9.75 12.93 19.12
N GLY A 103 9.42 13.01 17.82
CA GLY A 103 10.24 12.36 16.77
C GLY A 103 10.08 10.86 16.53
N ALA A 104 9.21 10.19 17.29
CA ALA A 104 8.92 8.79 17.06
C ALA A 104 8.15 8.60 15.75
N ILE A 105 8.43 7.46 15.14
CA ILE A 105 7.95 7.17 13.80
C ILE A 105 6.87 6.11 13.87
N TYR A 106 5.78 6.29 13.13
CA TYR A 106 4.63 5.40 13.15
C TYR A 106 4.16 5.08 11.75
N ARG A 107 3.74 3.82 11.61
CA ARG A 107 3.12 3.34 10.37
CA ARG A 107 3.13 3.34 10.37
C ARG A 107 1.71 2.93 10.66
N TYR A 108 0.80 3.30 9.76
CA TYR A 108 -0.61 2.93 9.87
C TYR A 108 -0.78 1.45 9.69
N THR A 109 -1.59 0.84 10.54
CA THR A 109 -1.77 -0.63 10.50
C THR A 109 -2.91 -1.08 9.61
N GLY A 110 -3.77 -0.16 9.20
CA GLY A 110 -5.02 -0.52 8.56
C GLY A 110 -6.16 -0.87 9.49
N ASP A 111 -5.96 -0.75 10.80
CA ASP A 111 -7.00 -1.02 11.78
C ASP A 111 -7.24 0.24 12.58
N ASP A 112 -8.33 0.95 12.26
CA ASP A 112 -8.61 2.22 12.96
C ASP A 112 -8.73 2.09 14.50
N ALA A 113 -9.11 0.91 14.99
CA ALA A 113 -9.18 0.63 16.39
C ALA A 113 -7.84 0.44 17.07
N ASN A 114 -6.80 0.12 16.29
CA ASN A 114 -5.41 -0.01 16.76
C ASN A 114 -4.45 0.46 15.65
N PRO A 115 -4.41 1.77 15.43
CA PRO A 115 -4.00 2.26 14.14
C PRO A 115 -2.54 2.38 13.86
N TRP A 116 -1.69 2.39 14.87
CA TRP A 116 -0.25 2.66 14.65
C TRP A 116 0.66 1.64 15.27
N VAL A 117 1.73 1.29 14.58
CA VAL A 117 2.87 0.55 15.13
C VAL A 117 4.06 1.52 15.09
N GLN A 118 4.86 1.56 16.13
CA GLN A 118 6.10 2.36 16.13
C GLN A 118 7.19 1.63 15.38
N ILE A 119 7.83 2.32 14.47
CA ILE A 119 8.96 1.83 13.69
C ILE A 119 10.20 2.46 14.35
N PRO A 120 11.25 1.68 14.63
CA PRO A 120 12.38 2.26 15.30
C PRO A 120 13.03 3.42 14.55
N GLY A 121 13.48 4.40 15.31
CA GLY A 121 14.16 5.57 14.75
C GLY A 121 13.67 6.88 15.30
N VAL A 122 14.28 7.95 14.83
CA VAL A 122 13.89 9.30 15.19
C VAL A 122 13.95 10.16 13.93
N LEU A 123 12.83 10.84 13.61
CA LEU A 123 12.73 11.70 12.41
C LEU A 123 12.02 12.98 12.71
N SER A 124 12.14 13.94 11.82
CA SER A 124 11.36 15.16 11.86
C SER A 124 10.42 15.35 10.66
N ASP A 125 10.68 14.74 9.53
CA ASP A 125 9.74 14.74 8.39
C ASP A 125 9.86 13.38 7.70
N ILE A 126 8.83 13.01 6.95
CA ILE A 126 8.76 11.71 6.30
C ILE A 126 7.98 11.85 5.01
N GLY A 127 8.33 11.01 4.02
CA GLY A 127 7.60 10.94 2.77
C GLY A 127 7.46 9.48 2.34
N ALA A 128 6.22 9.06 2.10
CA ALA A 128 5.90 7.70 1.81
C ALA A 128 5.32 7.64 0.37
N GLY A 129 5.60 6.54 -0.31
CA GLY A 129 5.16 6.35 -1.67
C GLY A 129 4.19 5.21 -1.91
N ALA A 130 3.63 5.21 -3.12
CA ALA A 130 2.64 4.20 -3.51
C ALA A 130 3.23 2.83 -3.68
N ASP A 131 4.52 2.74 -3.90
CA ASP A 131 5.22 1.49 -4.04
C ASP A 131 5.89 0.95 -2.80
N GLY A 132 5.60 1.59 -1.67
CA GLY A 132 6.20 1.23 -0.42
C GLY A 132 7.43 2.01 -0.04
N THR A 133 7.93 2.85 -0.95
CA THR A 133 9.15 3.64 -0.67
C THR A 133 8.89 4.56 0.50
N VAL A 134 9.87 4.70 1.39
CA VAL A 134 9.76 5.64 2.51
C VAL A 134 11.10 6.26 2.72
N TRP A 135 11.14 7.61 2.78
CA TRP A 135 12.31 8.39 3.12
C TRP A 135 11.97 9.29 4.29
N GLY A 136 12.97 9.60 5.09
CA GLY A 136 12.80 10.53 6.20
C GLY A 136 14.02 11.41 6.41
N VAL A 137 13.83 12.46 7.18
CA VAL A 137 14.95 13.31 7.63
C VAL A 137 14.82 13.49 9.13
N ASN A 138 15.94 13.66 9.81
CA ASN A 138 15.93 13.97 11.25
C ASN A 138 16.20 15.44 11.49
N ALA A 139 16.14 15.85 12.77
CA ALA A 139 16.21 17.28 13.07
C ALA A 139 17.56 17.90 12.73
N ALA A 140 18.63 17.11 12.70
CA ALA A 140 19.93 17.63 12.26
C ALA A 140 20.08 17.64 10.72
N GLY A 141 19.10 17.15 10.02
CA GLY A 141 19.09 17.19 8.56
C GLY A 141 19.57 15.88 7.98
N GLU A 142 19.90 14.87 8.82
CA GLU A 142 20.38 13.60 8.22
C GLU A 142 19.24 12.89 7.52
N ILE A 143 19.56 12.23 6.42
CA ILE A 143 18.61 11.64 5.48
C ILE A 143 18.63 10.13 5.54
N TYR A 144 17.45 9.50 5.58
CA TYR A 144 17.32 8.05 5.69
C TYR A 144 16.31 7.50 4.70
N ARG A 145 16.60 6.31 4.21
CA ARG A 145 15.61 5.55 3.39
C ARG A 145 15.30 4.24 4.12
N TYR A 146 14.03 3.89 4.20
CA TYR A 146 13.57 2.74 4.95
C TYR A 146 14.01 1.47 4.29
N THR A 147 14.51 0.58 5.12
CA THR A 147 14.93 -0.75 4.69
C THR A 147 14.36 -1.86 5.62
N GLY A 148 13.47 -1.53 6.55
CA GLY A 148 13.02 -2.48 7.58
C GLY A 148 12.07 -3.55 7.08
N ASP A 149 11.53 -3.34 5.88
CA ASP A 149 10.74 -4.33 5.16
C ASP A 149 11.55 -5.10 4.13
N GLN A 150 12.86 -4.93 4.18
CA GLN A 150 13.82 -5.56 3.22
C GLN A 150 14.89 -6.26 4.00
N GLY A 151 14.55 -6.72 5.19
CA GLY A 151 15.44 -7.52 5.99
C GLY A 151 16.53 -6.84 6.81
N ASP A 152 16.51 -5.52 6.89
CA ASP A 152 17.57 -4.80 7.55
C ASP A 152 17.20 -4.60 9.01
N PRO A 153 17.94 -5.22 9.93
CA PRO A 153 17.59 -5.07 11.34
C PRO A 153 17.83 -3.68 11.93
N ASN A 154 18.50 -2.79 11.17
CA ASN A 154 18.69 -1.40 11.62
C ASN A 154 17.68 -0.43 10.99
N HIS A 155 16.77 -0.96 10.18
CA HIS A 155 15.53 -0.24 9.70
C HIS A 155 15.73 0.89 8.68
N TRP A 156 16.88 1.52 8.68
CA TRP A 156 17.10 2.69 7.84
C TRP A 156 18.51 2.73 7.37
N VAL A 157 18.73 3.19 6.15
N VAL A 157 18.73 3.17 6.13
CA VAL A 157 20.08 3.43 5.65
CA VAL A 157 20.07 3.44 5.63
C VAL A 157 20.25 4.94 5.47
C VAL A 157 20.24 4.95 5.49
N LYS A 158 21.35 5.47 5.99
CA LYS A 158 21.68 6.89 5.85
C LYS A 158 22.21 7.16 4.45
N ILE A 159 21.67 8.18 3.83
CA ILE A 159 22.07 8.66 2.53
C ILE A 159 22.73 10.01 2.73
N PRO A 160 23.95 10.22 2.19
CA PRO A 160 24.63 11.49 2.34
C PRO A 160 23.81 12.71 1.92
N GLY A 161 24.02 13.81 2.65
CA GLY A 161 23.42 15.08 2.38
C GLY A 161 22.67 15.58 3.63
N ALA A 162 22.04 16.73 3.50
CA ALA A 162 21.25 17.34 4.53
C ALA A 162 19.96 17.97 3.96
N LEU A 163 18.80 17.53 4.53
CA LEU A 163 17.50 18.06 4.10
C LEU A 163 16.62 18.26 5.33
N SER A 164 15.66 19.16 5.19
CA SER A 164 14.67 19.45 6.23
C SER A 164 13.24 19.02 5.94
N ALA A 165 12.93 18.81 4.68
CA ALA A 165 11.62 18.30 4.28
C ALA A 165 11.90 17.33 3.13
N ILE A 166 11.08 16.27 3.04
CA ILE A 166 11.33 15.28 2.01
C ILE A 166 9.98 14.69 1.55
N SER A 167 9.97 14.25 0.30
CA SER A 167 8.78 13.66 -0.31
C SER A 167 9.19 12.61 -1.31
N ALA A 168 8.41 11.50 -1.39
CA ALA A 168 8.81 10.33 -2.19
C ALA A 168 7.61 9.55 -2.64
N GLY A 169 6.92 10.07 -3.61
CA GLY A 169 5.67 9.41 -4.08
C GLY A 169 5.86 8.06 -4.76
N ILE A 170 7.08 7.80 -5.21
CA ILE A 170 7.51 6.52 -5.82
C ILE A 170 9.03 6.52 -5.71
N LYS A 171 9.60 5.35 -5.83
CA LYS A 171 11.06 5.16 -5.75
C LYS A 171 11.83 6.09 -6.67
N THR A 172 11.23 6.38 -7.83
CA THR A 172 11.86 7.19 -8.83
C THR A 172 11.60 8.68 -8.81
N ASN A 173 10.84 9.17 -7.82
CA ASN A 173 10.52 10.61 -7.73
C ASN A 173 10.63 11.05 -6.29
N VAL A 174 11.88 11.39 -5.92
CA VAL A 174 12.20 11.77 -4.56
C VAL A 174 12.82 13.19 -4.56
N TRP A 175 12.22 14.08 -3.75
CA TRP A 175 12.65 15.48 -3.70
C TRP A 175 12.67 15.94 -2.25
N GLY A 176 13.52 16.93 -1.98
CA GLY A 176 13.60 17.54 -0.63
C GLY A 176 14.09 18.96 -0.74
N VAL A 177 14.05 19.61 0.41
CA VAL A 177 14.61 20.96 0.56
C VAL A 177 15.48 20.94 1.82
N ASN A 178 16.48 21.78 1.83
CA ASN A 178 17.30 21.93 3.07
C ASN A 178 16.83 23.12 3.88
N SER A 179 17.46 23.33 5.03
N SER A 179 17.43 23.31 5.04
CA SER A 179 17.03 24.37 5.95
CA SER A 179 17.05 24.36 5.96
C SER A 179 17.23 25.78 5.39
C SER A 179 17.20 25.77 5.38
N ALA A 180 18.07 25.92 4.38
CA ALA A 180 18.29 27.16 3.69
C ALA A 180 17.37 27.36 2.50
N ASN A 181 16.44 26.44 2.31
CA ASN A 181 15.38 26.51 1.30
C ASN A 181 15.90 26.04 -0.06
N ASN A 182 17.09 25.46 -0.13
CA ASN A 182 17.64 24.98 -1.39
C ASN A 182 16.90 23.69 -1.76
N ILE A 183 16.70 23.47 -3.06
CA ILE A 183 15.90 22.35 -3.56
C ILE A 183 16.82 21.25 -4.13
N TYR A 184 16.49 20.00 -3.81
CA TYR A 184 17.26 18.88 -4.33
C TYR A 184 16.33 17.78 -4.81
N THR A 185 16.77 17.06 -5.86
CA THR A 185 16.11 15.82 -6.30
C THR A 185 17.07 14.68 -6.29
N SER A 186 16.57 13.51 -5.99
CA SER A 186 17.40 12.34 -5.88
C SER A 186 17.87 11.90 -7.29
N THR A 187 19.15 11.51 -7.38
CA THR A 187 19.69 10.99 -8.63
C THR A 187 19.45 9.50 -8.83
N GLY A 188 19.11 8.77 -7.78
CA GLY A 188 19.09 7.32 -7.72
C GLY A 188 20.47 6.68 -7.53
N ASP A 189 21.49 7.48 -7.33
CA ASP A 189 22.82 6.97 -7.02
C ASP A 189 23.15 7.33 -5.56
N ASP A 190 23.12 6.32 -4.66
CA ASP A 190 23.39 6.63 -3.23
C ASP A 190 24.77 7.19 -2.96
N LYS A 191 25.74 7.02 -3.89
CA LYS A 191 27.05 7.59 -3.70
C LYS A 191 27.15 8.98 -4.24
N ASN A 192 26.16 9.47 -5.02
CA ASN A 192 26.16 10.84 -5.55
C ASN A 192 24.68 11.26 -5.57
N PRO A 193 24.09 11.43 -4.39
CA PRO A 193 22.64 11.23 -4.27
C PRO A 193 21.72 12.37 -4.62
N TRP A 194 22.24 13.58 -4.76
CA TRP A 194 21.32 14.74 -4.92
C TRP A 194 21.76 15.65 -6.02
N LEU A 195 20.79 16.14 -6.78
CA LEU A 195 20.99 17.20 -7.78
C LEU A 195 20.31 18.47 -7.30
N GLY A 196 21.04 19.61 -7.26
CA GLY A 196 20.41 20.90 -6.92
C GLY A 196 19.55 21.42 -8.07
N ILE A 197 18.38 21.92 -7.74
CA ILE A 197 17.39 22.46 -8.69
C ILE A 197 17.23 23.94 -8.39
N GLY A 198 17.28 24.80 -9.39
CA GLY A 198 17.06 26.22 -9.13
C GLY A 198 15.69 26.45 -8.52
N GLY A 199 15.66 27.39 -7.59
CA GLY A 199 14.43 27.81 -6.92
C GLY A 199 14.64 27.87 -5.41
N SER A 200 13.57 28.10 -4.66
N SER A 200 13.57 28.07 -4.67
CA SER A 200 13.63 28.24 -3.21
CA SER A 200 13.65 28.16 -3.21
C SER A 200 12.30 27.76 -2.63
C SER A 200 12.32 27.75 -2.63
N LEU A 201 12.34 26.76 -1.74
CA LEU A 201 11.10 26.20 -1.16
C LEU A 201 11.34 25.77 0.29
N VAL A 202 10.26 25.72 1.07
CA VAL A 202 10.27 25.20 2.44
CA VAL A 202 10.27 25.21 2.43
C VAL A 202 9.53 23.87 2.58
N ASP A 203 8.64 23.51 1.62
CA ASP A 203 8.05 22.18 1.66
C ASP A 203 7.83 21.78 0.21
N ILE A 204 7.73 20.47 0.03
CA ILE A 204 7.63 19.88 -1.31
C ILE A 204 6.80 18.62 -1.29
N GLY A 205 6.12 18.35 -2.42
CA GLY A 205 5.36 17.13 -2.58
C GLY A 205 5.66 16.53 -3.94
N ALA A 206 6.08 15.29 -3.95
CA ALA A 206 6.55 14.58 -5.17
C ALA A 206 5.60 13.41 -5.41
N GLY A 207 4.84 13.47 -6.50
CA GLY A 207 3.82 12.51 -6.79
C GLY A 207 4.32 11.23 -7.45
N THR A 208 3.48 10.21 -7.37
CA THR A 208 3.77 8.91 -7.94
C THR A 208 3.92 9.00 -9.48
N ASP A 209 3.12 9.88 -10.07
CA ASP A 209 3.12 10.13 -11.50
C ASP A 209 4.15 11.14 -12.04
N GLY A 210 5.03 11.64 -11.15
CA GLY A 210 6.01 12.61 -11.52
C GLY A 210 5.67 14.03 -11.20
N VAL A 211 4.41 14.34 -10.80
CA VAL A 211 4.14 15.75 -10.52
C VAL A 211 4.94 16.19 -9.29
N VAL A 212 5.37 17.43 -9.30
CA VAL A 212 6.08 18.01 -8.18
C VAL A 212 5.55 19.39 -7.90
N TRP A 213 5.17 19.61 -6.63
CA TRP A 213 4.68 20.89 -6.14
C TRP A 213 5.47 21.37 -4.93
N GLY A 214 5.66 22.67 -4.81
CA GLY A 214 6.28 23.19 -3.64
C GLY A 214 5.72 24.50 -3.15
N VAL A 215 6.09 24.85 -1.93
CA VAL A 215 5.75 26.14 -1.37
C VAL A 215 7.00 26.76 -0.76
N ASN A 216 7.07 28.07 -0.87
N ASN A 216 7.09 28.07 -0.85
CA ASN A 216 8.19 28.82 -0.33
CA ASN A 216 8.24 28.86 -0.38
C ASN A 216 7.90 29.52 0.99
C ASN A 216 7.92 29.50 0.95
N ALA A 217 8.94 30.06 1.58
CA ALA A 217 8.83 30.69 2.86
C ALA A 217 7.85 31.81 2.98
N GLY A 218 7.62 32.54 1.90
CA GLY A 218 6.60 33.61 1.93
C GLY A 218 5.21 33.16 1.52
N GLY A 219 4.97 31.85 1.45
CA GLY A 219 3.66 31.33 1.07
C GLY A 219 3.49 31.05 -0.42
N GLY A 220 4.45 31.43 -1.23
CA GLY A 220 4.33 31.27 -2.69
C GLY A 220 4.29 29.81 -3.08
N ILE A 221 3.47 29.51 -4.09
CA ILE A 221 3.19 28.11 -4.53
C ILE A 221 3.70 27.92 -5.93
N TYR A 222 4.34 26.77 -6.18
CA TYR A 222 4.99 26.45 -7.48
C TYR A 222 4.74 25.06 -7.90
N ARG A 223 4.57 24.83 -9.21
CA ARG A 223 4.57 23.48 -9.76
C ARG A 223 5.71 23.33 -10.74
N TRP A 224 6.34 22.17 -10.68
CA TRP A 224 7.45 21.92 -11.57
C TRP A 224 7.01 21.66 -13.01
N ILE A 225 7.72 22.29 -13.95
CA ILE A 225 7.44 22.15 -15.39
C ILE A 225 8.67 21.54 -16.06
N ARG A 226 8.46 20.40 -16.71
CA ARG A 226 9.56 19.76 -17.46
C ARG A 226 9.63 20.20 -18.90
N ASP A 227 8.51 20.23 -19.61
CA ASP A 227 8.57 20.52 -21.05
C ASP A 227 8.74 22.01 -21.35
N PRO B 2 -14.76 -18.58 -21.07
CA PRO B 2 -14.52 -19.88 -20.44
C PRO B 2 -13.13 -20.02 -19.80
N TRP B 3 -12.66 -21.26 -19.72
CA TRP B 3 -11.38 -21.57 -19.09
C TRP B 3 -10.52 -22.26 -20.12
N LYS B 4 -9.24 -21.96 -20.14
CA LYS B 4 -8.27 -22.70 -20.93
C LYS B 4 -7.39 -23.49 -20.01
N GLY B 5 -7.22 -24.79 -20.31
CA GLY B 5 -6.33 -25.64 -19.54
C GLY B 5 -4.87 -25.39 -19.88
N ILE B 6 -4.08 -25.18 -18.83
CA ILE B 6 -2.66 -24.99 -18.93
C ILE B 6 -2.03 -26.22 -18.32
N SER B 7 -1.08 -26.81 -19.03
CA SER B 7 -0.50 -28.08 -18.61
C SER B 7 0.19 -27.93 -17.26
N GLY B 8 0.21 -29.00 -16.50
CA GLY B 8 0.82 -29.01 -15.18
C GLY B 8 -0.16 -29.45 -14.10
N SER B 9 0.31 -29.50 -12.87
CA SER B 9 -0.55 -29.85 -11.76
C SER B 9 -0.20 -28.97 -10.58
N LEU B 10 -1.21 -28.30 -10.03
CA LEU B 10 -1.04 -27.45 -8.85
C LEU B 10 -2.22 -27.61 -7.87
N SER B 11 -1.95 -27.36 -6.60
CA SER B 11 -2.99 -27.44 -5.58
C SER B 11 -3.40 -26.10 -5.01
N ARG B 12 -2.53 -25.11 -5.11
CA ARG B 12 -2.92 -23.76 -4.73
C ARG B 12 -2.29 -22.79 -5.70
N ILE B 13 -2.93 -21.65 -5.90
CA ILE B 13 -2.47 -20.75 -6.95
C ILE B 13 -2.75 -19.30 -6.59
N SER B 14 -1.91 -18.39 -7.09
CA SER B 14 -2.10 -16.96 -6.85
C SER B 14 -1.66 -16.22 -8.08
N ALA B 15 -2.45 -15.21 -8.45
CA ALA B 15 -2.11 -14.40 -9.58
C ALA B 15 -2.25 -12.94 -9.19
N GLY B 16 -1.15 -12.23 -9.18
CA GLY B 16 -1.21 -10.79 -8.89
C GLY B 16 -1.43 -9.97 -10.14
N SER B 17 -0.88 -10.46 -11.24
CA SER B 17 -1.01 -9.81 -12.52
C SER B 17 -0.69 -10.88 -13.57
N VAL B 18 -0.89 -10.58 -14.85
CA VAL B 18 -0.71 -11.59 -15.88
C VAL B 18 0.74 -12.07 -15.89
N THR B 19 1.65 -11.27 -15.37
CA THR B 19 3.08 -11.61 -15.42
C THR B 19 3.65 -12.12 -14.09
N ASN B 20 2.80 -12.25 -13.08
CA ASN B 20 3.24 -12.74 -11.79
C ASN B 20 2.24 -13.74 -11.23
N VAL B 21 2.44 -14.99 -11.62
CA VAL B 21 1.53 -16.09 -11.29
C VAL B 21 2.37 -17.21 -10.70
N TRP B 22 1.99 -17.64 -9.51
CA TRP B 22 2.71 -18.70 -8.82
C TRP B 22 1.74 -19.71 -8.25
N GLY B 23 2.23 -20.93 -8.03
CA GLY B 23 1.45 -21.94 -7.35
C GLY B 23 2.34 -22.93 -6.65
N VAL B 24 1.69 -23.86 -5.93
CA VAL B 24 2.39 -24.97 -5.32
C VAL B 24 1.64 -26.23 -5.69
N ASN B 25 2.38 -27.33 -5.84
CA ASN B 25 1.72 -28.60 -6.09
C ASN B 25 1.45 -29.35 -4.78
N ALA B 26 0.75 -30.46 -4.90
CA ALA B 26 0.39 -31.21 -3.69
C ALA B 26 1.60 -31.56 -2.82
N ALA B 27 2.71 -31.93 -3.48
CA ALA B 27 3.94 -32.30 -2.80
C ALA B 27 4.66 -31.12 -2.13
N ASN B 28 4.14 -29.91 -2.36
CA ASN B 28 4.69 -28.65 -1.83
C ASN B 28 5.80 -28.03 -2.71
N ASN B 29 6.01 -28.56 -3.92
CA ASN B 29 6.97 -27.95 -4.85
C ASN B 29 6.38 -26.62 -5.32
N ILE B 30 7.24 -25.64 -5.56
CA ILE B 30 6.82 -24.28 -5.91
C ILE B 30 7.09 -24.00 -7.38
N TYR B 31 6.13 -23.38 -8.05
CA TYR B 31 6.29 -23.05 -9.48
C TYR B 31 5.89 -21.61 -9.78
N ARG B 32 6.57 -21.00 -10.75
CA ARG B 32 6.17 -19.69 -11.27
C ARG B 32 5.85 -19.84 -12.77
N TYR B 33 4.79 -19.17 -13.21
CA TYR B 33 4.37 -19.15 -14.62
C TYR B 33 5.39 -18.42 -15.46
N THR B 34 5.87 -19.07 -16.53
CA THR B 34 6.91 -18.53 -17.42
C THR B 34 6.41 -17.50 -18.44
N GLY B 35 5.11 -17.44 -18.68
CA GLY B 35 4.57 -16.64 -19.78
C GLY B 35 4.56 -17.36 -21.12
N ASP B 36 4.92 -18.63 -21.10
CA ASP B 36 4.91 -19.47 -22.31
C ASP B 36 3.97 -20.63 -22.10
N ASP B 37 2.78 -20.56 -22.66
CA ASP B 37 1.76 -21.58 -22.40
C ASP B 37 2.23 -22.95 -22.84
N ALA B 38 3.09 -23.04 -23.85
CA ALA B 38 3.61 -24.32 -24.29
C ALA B 38 4.56 -24.95 -23.27
N LYS B 39 5.27 -24.12 -22.51
CA LYS B 39 6.19 -24.56 -21.46
C LYS B 39 5.99 -23.71 -20.20
N PRO B 40 4.87 -23.95 -19.49
CA PRO B 40 4.35 -22.89 -18.63
C PRO B 40 4.93 -22.70 -17.23
N TRP B 41 5.70 -23.65 -16.72
CA TRP B 41 6.22 -23.53 -15.34
C TRP B 41 7.73 -23.71 -15.18
N VAL B 42 8.31 -22.93 -14.29
CA VAL B 42 9.64 -23.18 -13.77
C VAL B 42 9.55 -23.46 -12.28
N GLN B 43 10.27 -24.47 -11.81
CA GLN B 43 10.23 -24.74 -10.40
C GLN B 43 11.18 -23.79 -9.68
N ILE B 44 10.72 -23.27 -8.54
CA ILE B 44 11.50 -22.35 -7.73
C ILE B 44 11.88 -23.14 -6.50
N PRO B 45 13.17 -23.12 -6.14
CA PRO B 45 13.56 -23.97 -5.00
C PRO B 45 12.80 -23.63 -3.70
N GLY B 46 12.45 -24.66 -2.95
CA GLY B 46 11.76 -24.47 -1.65
C GLY B 46 10.57 -25.40 -1.50
N ALA B 47 9.86 -25.30 -0.37
CA ALA B 47 8.63 -26.04 -0.16
C ALA B 47 7.61 -25.15 0.55
N LEU B 48 6.41 -25.05 -0.03
CA LEU B 48 5.34 -24.22 0.51
C LEU B 48 4.00 -24.94 0.34
N THR B 49 3.02 -24.56 1.15
CA THR B 49 1.66 -25.03 1.00
C THR B 49 0.63 -23.96 0.62
N ASP B 50 0.97 -22.68 0.79
CA ASP B 50 0.15 -21.63 0.18
C ASP B 50 1.08 -20.49 -0.25
N ILE B 51 0.59 -19.70 -1.19
CA ILE B 51 1.41 -18.64 -1.75
C ILE B 51 0.54 -17.48 -2.17
N GLY B 52 1.09 -16.27 -2.06
CA GLY B 52 0.40 -15.05 -2.47
C GLY B 52 1.33 -14.23 -3.34
N ALA B 53 0.88 -13.88 -4.55
CA ALA B 53 1.72 -13.18 -5.52
C ALA B 53 1.06 -11.86 -5.90
N ALA B 54 1.77 -10.76 -5.77
CA ALA B 54 1.15 -9.46 -6.02
C ALA B 54 1.52 -8.81 -7.34
N ALA B 55 0.77 -7.76 -7.66
CA ALA B 55 0.93 -7.04 -8.92
C ALA B 55 2.32 -6.47 -9.07
N ASP B 56 2.92 -6.07 -7.95
CA ASP B 56 4.21 -5.42 -7.97
C ASP B 56 5.38 -6.37 -7.90
N GLY B 57 5.10 -7.66 -7.95
CA GLY B 57 6.17 -8.68 -7.90
C GLY B 57 6.37 -9.31 -6.52
N THR B 58 5.74 -8.74 -5.51
CA THR B 58 5.81 -9.26 -4.12
C THR B 58 5.34 -10.71 -4.13
N VAL B 59 6.09 -11.61 -3.52
CA VAL B 59 5.64 -13.00 -3.34
C VAL B 59 5.89 -13.44 -1.90
N TRP B 60 4.85 -13.92 -1.24
CA TRP B 60 4.95 -14.48 0.10
C TRP B 60 4.39 -15.90 0.12
N GLY B 61 4.90 -16.73 1.02
CA GLY B 61 4.39 -18.09 1.15
C GLY B 61 4.46 -18.61 2.56
N VAL B 62 3.73 -19.71 2.81
CA VAL B 62 3.83 -20.39 4.08
C VAL B 62 4.07 -21.86 3.79
N ASN B 63 4.81 -22.53 4.67
CA ASN B 63 5.06 -23.96 4.50
C ASN B 63 4.12 -24.77 5.39
N ALA B 64 4.21 -26.08 5.28
CA ALA B 64 3.23 -26.93 5.97
C ALA B 64 3.24 -26.72 7.50
N ALA B 65 4.42 -26.48 8.07
CA ALA B 65 4.56 -26.23 9.50
C ALA B 65 4.00 -24.89 9.95
N GLY B 66 3.86 -23.99 8.99
CA GLY B 66 3.41 -22.65 9.28
C GLY B 66 4.47 -21.59 9.20
N ASN B 67 5.69 -21.98 8.86
CA ASN B 67 6.75 -21.00 8.69
C ASN B 67 6.37 -20.09 7.53
N ILE B 68 6.78 -18.84 7.65
CA ILE B 68 6.44 -17.78 6.69
C ILE B 68 7.68 -17.29 5.96
N TYR B 69 7.55 -17.12 4.65
CA TYR B 69 8.69 -16.70 3.82
C TYR B 69 8.28 -15.60 2.85
N ARG B 70 9.22 -14.72 2.56
CA ARG B 70 9.06 -13.72 1.50
C ARG B 70 10.12 -13.97 0.46
N TYR B 71 9.76 -13.88 -0.81
CA TYR B 71 10.70 -14.14 -1.88
C TYR B 71 11.66 -12.98 -2.01
N VAL B 72 12.96 -13.19 -2.17
CA VAL B 72 13.83 -12.00 -2.16
C VAL B 72 14.35 -11.50 -3.49
N TRP B 73 13.93 -12.16 -4.57
CA TRP B 73 14.25 -11.77 -5.98
C TRP B 73 15.77 -11.74 -6.27
N HIS B 77 16.83 -17.74 -1.79
CA HIS B 77 15.56 -17.49 -2.53
C HIS B 77 14.44 -16.98 -1.64
N TRP B 78 14.45 -17.43 -0.40
CA TRP B 78 13.37 -17.12 0.51
C TRP B 78 13.99 -16.62 1.78
N THR B 79 13.40 -15.59 2.38
CA THR B 79 13.79 -15.17 3.72
C THR B 79 12.66 -15.49 4.68
N GLN B 80 12.98 -16.16 5.79
CA GLN B 80 11.93 -16.43 6.78
C GLN B 80 11.62 -15.15 7.52
N ILE B 81 10.34 -14.97 7.76
CA ILE B 81 9.77 -13.90 8.53
C ILE B 81 9.10 -14.58 9.72
N LYS B 82 9.39 -14.08 10.91
CA LYS B 82 8.94 -14.70 12.14
C LYS B 82 7.41 -14.76 12.19
N GLY B 83 6.89 -15.81 12.81
CA GLY B 83 5.45 -16.00 12.96
C GLY B 83 5.00 -17.35 12.43
N ALA B 84 3.70 -17.60 12.51
CA ALA B 84 3.13 -18.82 11.95
C ALA B 84 1.81 -18.50 11.27
N LEU B 85 1.70 -18.91 10.01
CA LEU B 85 0.46 -18.75 9.23
C LEU B 85 0.13 -19.98 8.40
N LYS B 86 -1.15 -20.15 8.14
CA LYS B 86 -1.69 -21.27 7.39
C LYS B 86 -2.13 -20.88 5.99
N ARG B 87 -2.57 -19.65 5.82
CA ARG B 87 -2.92 -19.16 4.48
C ARG B 87 -2.35 -17.75 4.37
N ILE B 88 -2.03 -17.34 3.15
CA ILE B 88 -1.45 -16.03 2.98
C ILE B 88 -1.83 -15.39 1.64
N SER B 89 -1.88 -14.06 1.60
CA SER B 89 -2.20 -13.35 0.38
C SER B 89 -1.43 -12.06 0.36
N ALA B 90 -0.88 -11.74 -0.81
CA ALA B 90 -0.14 -10.52 -0.96
C ALA B 90 -0.66 -9.81 -2.20
N GLY B 91 -1.21 -8.65 -2.02
CA GLY B 91 -1.65 -7.87 -3.18
C GLY B 91 -0.59 -6.91 -3.66
N SER B 92 0.25 -6.49 -2.73
CA SER B 92 1.35 -5.58 -3.01
C SER B 92 2.30 -5.64 -1.81
N ARG B 93 3.47 -5.01 -1.95
CA ARG B 93 4.48 -4.96 -0.88
C ARG B 93 3.86 -4.52 0.43
N THR B 94 2.86 -3.65 0.35
CA THR B 94 2.32 -2.99 1.53
C THR B 94 0.97 -3.52 2.00
N ASN B 95 0.46 -4.58 1.36
CA ASN B 95 -0.81 -5.13 1.75
C ASN B 95 -0.75 -6.66 1.75
N VAL B 96 -0.28 -7.20 2.86
CA VAL B 96 -0.03 -8.62 3.00
C VAL B 96 -0.77 -9.09 4.24
N TRP B 97 -1.60 -10.11 4.04
CA TRP B 97 -2.42 -10.63 5.14
C TRP B 97 -2.34 -12.15 5.14
N GLY B 98 -2.59 -12.73 6.31
CA GLY B 98 -2.70 -14.17 6.43
C GLY B 98 -3.59 -14.56 7.58
N VAL B 99 -3.80 -15.86 7.73
CA VAL B 99 -4.53 -16.39 8.87
C VAL B 99 -3.73 -17.54 9.40
N ASN B 100 -3.78 -17.76 10.70
CA ASN B 100 -3.09 -18.90 11.26
C ASN B 100 -4.02 -20.10 11.38
N ALA B 101 -3.45 -21.21 11.80
CA ALA B 101 -4.23 -22.45 11.86
C ALA B 101 -5.48 -22.30 12.72
N GLY B 102 -5.37 -21.58 13.84
CA GLY B 102 -6.51 -21.35 14.72
C GLY B 102 -7.55 -20.38 14.20
N GLY B 103 -7.27 -19.77 13.04
CA GLY B 103 -8.20 -18.82 12.43
C GLY B 103 -7.98 -17.35 12.76
N ALA B 104 -6.94 -17.04 13.53
CA ALA B 104 -6.65 -15.65 13.83
C ALA B 104 -6.09 -14.99 12.60
N ILE B 105 -6.37 -13.70 12.47
CA ILE B 105 -6.06 -12.95 11.26
C ILE B 105 -4.93 -11.97 11.54
N TYR B 106 -3.96 -11.90 10.63
CA TYR B 106 -2.84 -10.99 10.81
C TYR B 106 -2.59 -10.16 9.57
N ARG B 107 -2.12 -8.94 9.75
CA ARG B 107 -1.66 -8.13 8.63
C ARG B 107 -0.20 -7.77 8.88
N TYR B 108 0.59 -7.77 7.83
CA TYR B 108 2.01 -7.44 7.87
C TYR B 108 2.17 -5.96 8.20
N THR B 109 3.07 -5.65 9.12
CA THR B 109 3.29 -4.27 9.55
C THR B 109 4.27 -3.49 8.68
N GLY B 110 5.06 -4.18 7.87
CA GLY B 110 6.16 -3.52 7.17
C GLY B 110 7.43 -3.45 7.98
N ASP B 111 7.43 -4.10 9.15
CA ASP B 111 8.62 -4.17 10.00
C ASP B 111 9.01 -5.62 10.23
N ASP B 112 10.03 -6.07 9.53
CA ASP B 112 10.39 -7.48 9.61
C ASP B 112 10.75 -7.91 11.02
N ALA B 113 11.20 -6.98 11.86
CA ALA B 113 11.54 -7.33 13.23
C ALA B 113 10.31 -7.49 14.13
N ASN B 114 9.19 -6.92 13.72
CA ASN B 114 7.92 -7.03 14.42
C ASN B 114 6.79 -7.11 13.38
N PRO B 115 6.73 -8.26 12.68
CA PRO B 115 6.09 -8.32 11.35
C PRO B 115 4.57 -8.40 11.28
N TRP B 116 3.89 -8.77 12.36
CA TRP B 116 2.43 -8.94 12.32
C TRP B 116 1.68 -8.17 13.39
N VAL B 117 0.49 -7.70 13.01
CA VAL B 117 -0.48 -7.18 13.93
C VAL B 117 -1.75 -8.00 13.77
N GLN B 118 -2.35 -8.42 14.88
CA GLN B 118 -3.55 -9.22 14.76
C GLN B 118 -4.75 -8.32 14.50
N ILE B 119 -5.62 -8.74 13.58
CA ILE B 119 -6.81 -7.99 13.23
C ILE B 119 -7.97 -8.78 13.77
N PRO B 120 -8.88 -8.12 14.52
CA PRO B 120 -9.95 -8.91 15.16
C PRO B 120 -10.80 -9.70 14.15
N GLY B 121 -11.17 -10.91 14.52
CA GLY B 121 -12.02 -11.78 13.68
C GLY B 121 -11.52 -13.21 13.59
N VAL B 122 -12.24 -14.06 12.87
CA VAL B 122 -11.76 -15.43 12.58
C VAL B 122 -12.01 -15.73 11.09
N LEU B 123 -10.98 -16.16 10.37
CA LEU B 123 -11.09 -16.51 8.96
C LEU B 123 -10.24 -17.75 8.66
N SER B 124 -10.57 -18.45 7.59
CA SER B 124 -9.78 -19.56 7.10
C SER B 124 -9.14 -19.34 5.72
N ASP B 125 -9.60 -18.35 4.96
CA ASP B 125 -8.84 -17.92 3.78
C ASP B 125 -9.01 -16.42 3.63
N ILE B 126 -8.10 -15.82 2.89
CA ILE B 126 -8.09 -14.38 2.74
C ILE B 126 -7.48 -13.98 1.42
N GLY B 127 -7.96 -12.87 0.88
CA GLY B 127 -7.42 -12.34 -0.38
C GLY B 127 -7.20 -10.84 -0.22
N ALA B 128 -5.97 -10.38 -0.49
CA ALA B 128 -5.60 -8.99 -0.28
C ALA B 128 -5.18 -8.38 -1.61
N GLY B 129 -5.76 -7.24 -1.95
CA GLY B 129 -5.54 -6.61 -3.25
C GLY B 129 -4.52 -5.48 -3.25
N ALA B 130 -4.05 -5.13 -4.44
CA ALA B 130 -3.08 -4.05 -4.59
C ALA B 130 -3.63 -2.73 -4.11
N ASP B 131 -4.94 -2.55 -4.25
CA ASP B 131 -5.59 -1.30 -3.90
C ASP B 131 -6.04 -1.22 -2.46
N GLY B 132 -5.69 -2.23 -1.67
CA GLY B 132 -6.06 -2.24 -0.24
C GLY B 132 -7.27 -3.12 0.09
N THR B 133 -7.99 -3.53 -0.95
CA THR B 133 -9.16 -4.42 -0.84
C THR B 133 -8.75 -5.65 -0.03
N VAL B 134 -9.58 -6.07 0.91
CA VAL B 134 -9.33 -7.34 1.63
C VAL B 134 -10.65 -8.06 1.83
N TRP B 135 -10.71 -9.30 1.38
CA TRP B 135 -11.87 -10.17 1.58
C TRP B 135 -11.45 -11.46 2.27
N GLY B 136 -12.38 -12.05 3.02
CA GLY B 136 -12.09 -13.31 3.71
C GLY B 136 -13.28 -14.20 3.81
N VAL B 137 -13.03 -15.48 4.10
CA VAL B 137 -14.10 -16.40 4.40
C VAL B 137 -13.75 -17.10 5.70
N ASN B 138 -14.76 -17.45 6.49
CA ASN B 138 -14.54 -18.16 7.74
C ASN B 138 -14.79 -19.65 7.56
N ALA B 139 -14.58 -20.41 8.62
CA ALA B 139 -14.64 -21.86 8.48
C ALA B 139 -16.01 -22.35 8.01
N ALA B 140 -17.08 -21.69 8.44
CA ALA B 140 -18.44 -22.06 8.06
C ALA B 140 -18.79 -21.66 6.65
N GLY B 141 -17.97 -20.83 6.04
CA GLY B 141 -18.20 -20.38 4.70
C GLY B 141 -18.73 -18.96 4.60
N GLU B 142 -18.87 -18.29 5.72
CA GLU B 142 -19.38 -16.95 5.66
C GLU B 142 -18.31 -16.04 5.09
N ILE B 143 -18.76 -15.03 4.37
CA ILE B 143 -17.90 -14.14 3.59
C ILE B 143 -17.89 -12.74 4.16
N TYR B 144 -16.69 -12.17 4.22
CA TYR B 144 -16.52 -10.84 4.79
C TYR B 144 -15.62 -9.98 3.93
N ARG B 145 -15.90 -8.68 3.95
CA ARG B 145 -15.04 -7.67 3.32
C ARG B 145 -14.57 -6.73 4.40
N TYR B 146 -13.31 -6.37 4.33
CA TYR B 146 -12.72 -5.55 5.38
C TYR B 146 -13.17 -4.10 5.30
N THR B 147 -13.49 -3.54 6.47
CA THR B 147 -13.90 -2.13 6.61
C THR B 147 -13.18 -1.44 7.77
N GLY B 148 -12.26 -2.15 8.42
CA GLY B 148 -11.63 -1.68 9.65
C GLY B 148 -10.67 -0.53 9.42
N ASP B 149 -10.23 -0.35 8.17
CA ASP B 149 -9.51 0.86 7.78
C ASP B 149 -10.43 1.86 7.15
N GLN B 150 -11.73 1.72 7.42
CA GLN B 150 -12.72 2.63 6.83
C GLN B 150 -13.72 3.00 7.87
N GLY B 151 -13.29 2.95 9.13
CA GLY B 151 -14.12 3.48 10.21
C GLY B 151 -15.11 2.57 10.86
N ASP B 152 -15.07 1.29 10.50
CA ASP B 152 -15.98 0.33 11.07
C ASP B 152 -15.35 -0.34 12.30
N PRO B 153 -15.88 -0.08 13.51
CA PRO B 153 -15.19 -0.74 14.63
C PRO B 153 -15.49 -2.23 14.82
N ASN B 154 -16.36 -2.81 14.00
CA ASN B 154 -16.51 -4.31 13.98
C ASN B 154 -15.71 -4.95 12.84
N HIS B 155 -15.02 -4.07 12.10
CA HIS B 155 -13.92 -4.43 11.15
C HIS B 155 -14.33 -5.10 9.85
N TRP B 156 -15.29 -6.01 9.95
CA TRP B 156 -15.64 -6.81 8.80
C TRP B 156 -17.13 -6.59 8.55
N VAL B 157 -17.52 -6.54 7.29
CA VAL B 157 -18.93 -6.58 6.92
C VAL B 157 -19.24 -7.91 6.24
N LYS B 158 -20.28 -8.62 6.71
CA LYS B 158 -20.67 -9.87 6.08
C LYS B 158 -21.39 -9.58 4.77
N ILE B 159 -21.01 -10.32 3.75
CA ILE B 159 -21.60 -10.29 2.43
C ILE B 159 -22.29 -11.64 2.22
N PRO B 160 -23.56 -11.63 1.77
CA PRO B 160 -24.26 -12.91 1.64
C PRO B 160 -23.54 -13.89 0.77
N GLY B 161 -23.75 -15.17 1.05
CA GLY B 161 -23.21 -16.24 0.23
C GLY B 161 -22.36 -17.18 1.08
N ALA B 162 -21.83 -18.21 0.43
CA ALA B 162 -20.92 -19.11 1.09
C ALA B 162 -19.79 -19.45 0.15
N LEU B 163 -18.56 -19.28 0.65
CA LEU B 163 -17.34 -19.62 -0.10
C LEU B 163 -16.29 -20.26 0.81
N SER B 164 -15.44 -21.10 0.23
CA SER B 164 -14.37 -21.77 0.97
C SER B 164 -12.99 -21.22 0.64
N ALA B 165 -12.87 -20.58 -0.51
CA ALA B 165 -11.62 -19.94 -0.87
C ALA B 165 -11.96 -18.64 -1.56
N ILE B 166 -11.07 -17.67 -1.42
CA ILE B 166 -11.35 -16.35 -1.96
C ILE B 166 -10.07 -15.65 -2.39
N SER B 167 -10.19 -14.77 -3.39
CA SER B 167 -9.04 -14.01 -3.87
C SER B 167 -9.53 -12.67 -4.34
N ALA B 168 -8.80 -11.63 -3.98
CA ALA B 168 -9.17 -10.30 -4.38
C ALA B 168 -7.94 -9.62 -4.96
N GLY B 169 -7.99 -9.30 -6.22
CA GLY B 169 -6.86 -8.57 -6.81
C GLY B 169 -7.05 -7.08 -6.70
N ILE B 170 -8.31 -6.68 -6.72
CA ILE B 170 -8.68 -5.29 -6.69
C ILE B 170 -10.15 -5.24 -6.28
N LYS B 171 -10.63 -4.04 -5.96
CA LYS B 171 -12.01 -3.84 -5.56
C LYS B 171 -12.98 -4.45 -6.58
N THR B 172 -12.57 -4.45 -7.83
CA THR B 172 -13.48 -4.84 -8.92
C THR B 172 -13.20 -6.23 -9.48
N ASN B 173 -12.25 -6.96 -8.89
CA ASN B 173 -11.93 -8.29 -9.35
C ASN B 173 -11.75 -9.24 -8.18
N VAL B 174 -12.87 -9.80 -7.75
CA VAL B 174 -12.95 -10.63 -6.56
C VAL B 174 -13.66 -11.92 -6.94
N TRP B 175 -12.99 -13.04 -6.67
CA TRP B 175 -13.52 -14.34 -7.04
C TRP B 175 -13.37 -15.29 -5.87
N GLY B 176 -14.21 -16.32 -5.85
CA GLY B 176 -14.08 -17.40 -4.88
C GLY B 176 -14.66 -18.68 -5.40
N VAL B 177 -14.50 -19.74 -4.61
CA VAL B 177 -15.12 -21.02 -4.90
C VAL B 177 -15.81 -21.47 -3.64
N ASN B 178 -16.92 -22.19 -3.80
CA ASN B 178 -17.59 -22.75 -2.64
C ASN B 178 -17.09 -24.17 -2.36
N SER B 179 -17.56 -24.76 -1.28
CA SER B 179 -17.03 -26.07 -0.91
C SER B 179 -17.32 -27.13 -1.98
N ALA B 180 -18.47 -27.00 -2.66
CA ALA B 180 -18.85 -27.88 -3.78
C ALA B 180 -17.95 -27.73 -5.02
N ASN B 181 -17.11 -26.69 -5.01
CA ASN B 181 -16.22 -26.32 -6.13
C ASN B 181 -16.88 -25.41 -7.19
N ASN B 182 -18.08 -24.90 -6.92
CA ASN B 182 -18.72 -23.94 -7.81
C ASN B 182 -17.93 -22.64 -7.74
N ILE B 183 -17.86 -21.91 -8.84
CA ILE B 183 -17.03 -20.71 -8.96
C ILE B 183 -17.89 -19.46 -9.01
N TYR B 184 -17.53 -18.44 -8.24
CA TYR B 184 -18.29 -17.19 -8.23
C TYR B 184 -17.40 -15.98 -8.42
N THR B 185 -17.93 -14.94 -9.04
CA THR B 185 -17.22 -13.67 -9.08
C THR B 185 -18.15 -12.61 -8.48
N SER B 186 -17.56 -11.68 -7.77
CA SER B 186 -18.34 -10.60 -7.18
C SER B 186 -18.89 -9.69 -8.24
N THR B 187 -20.14 -9.27 -8.07
CA THR B 187 -20.82 -8.40 -9.03
C THR B 187 -20.59 -6.91 -8.81
N GLY B 188 -20.14 -6.53 -7.62
CA GLY B 188 -20.11 -5.11 -7.25
C GLY B 188 -21.40 -4.61 -6.64
N ASP B 189 -22.35 -5.50 -6.43
CA ASP B 189 -23.63 -5.16 -5.80
C ASP B 189 -23.81 -5.95 -4.53
N ASP B 190 -23.59 -5.32 -3.39
CA ASP B 190 -23.60 -6.06 -2.12
C ASP B 190 -24.94 -6.72 -1.89
N LYS B 191 -26.02 -6.19 -2.46
CA LYS B 191 -27.34 -6.79 -2.28
C LYS B 191 -27.57 -8.03 -3.14
N ASN B 192 -26.77 -8.19 -4.19
CA ASN B 192 -26.87 -9.29 -5.15
C ASN B 192 -25.42 -9.66 -5.52
N PRO B 193 -24.65 -10.20 -4.55
CA PRO B 193 -23.20 -10.06 -4.70
C PRO B 193 -22.42 -11.05 -5.56
N TRP B 194 -23.02 -12.18 -5.93
CA TRP B 194 -22.28 -13.17 -6.71
C TRP B 194 -22.98 -13.59 -7.96
N LEU B 195 -22.13 -13.90 -8.92
CA LEU B 195 -22.53 -14.48 -10.15
C LEU B 195 -21.76 -15.78 -10.35
N GLY B 196 -22.46 -16.85 -10.68
CA GLY B 196 -21.77 -18.10 -10.89
C GLY B 196 -21.09 -18.16 -12.24
N ILE B 197 -19.84 -18.64 -12.28
CA ILE B 197 -19.08 -18.76 -13.52
C ILE B 197 -18.91 -20.25 -13.75
N GLY B 198 -19.28 -20.74 -14.93
CA GLY B 198 -19.24 -22.18 -15.15
C GLY B 198 -17.88 -22.79 -14.94
N GLY B 199 -17.87 -23.99 -14.39
CA GLY B 199 -16.62 -24.72 -14.14
C GLY B 199 -16.58 -25.25 -12.72
N SER B 200 -15.48 -25.90 -12.38
CA SER B 200 -15.30 -26.45 -11.03
C SER B 200 -13.84 -26.20 -10.64
N LEU B 201 -13.61 -25.53 -9.53
CA LEU B 201 -12.25 -25.24 -9.04
C LEU B 201 -12.20 -25.43 -7.53
N VAL B 202 -10.98 -25.62 -7.02
CA VAL B 202 -10.73 -25.69 -5.59
C VAL B 202 -9.90 -24.52 -5.03
N ASP B 203 -9.12 -23.86 -5.88
CA ASP B 203 -8.48 -22.60 -5.46
C ASP B 203 -8.50 -21.66 -6.65
N ILE B 204 -8.38 -20.37 -6.36
CA ILE B 204 -8.44 -19.36 -7.38
C ILE B 204 -7.58 -18.17 -7.02
N GLY B 205 -7.03 -17.52 -8.04
CA GLY B 205 -6.21 -16.33 -7.86
C GLY B 205 -6.66 -15.27 -8.85
N ALA B 206 -7.02 -14.10 -8.33
CA ALA B 206 -7.56 -13.02 -9.14
C ALA B 206 -6.65 -11.80 -9.05
N GLY B 207 -6.25 -11.30 -10.21
CA GLY B 207 -5.29 -10.23 -10.29
C GLY B 207 -5.89 -8.86 -10.48
N THR B 208 -5.05 -7.89 -10.20
CA THR B 208 -5.43 -6.52 -10.25
C THR B 208 -5.78 -6.08 -11.67
N ASP B 209 -5.12 -6.70 -12.64
CA ASP B 209 -5.34 -6.42 -14.03
C ASP B 209 -6.45 -7.22 -14.66
N GLY B 210 -7.13 -8.03 -13.85
CA GLY B 210 -8.24 -8.84 -14.38
C GLY B 210 -7.90 -10.31 -14.62
N VAL B 211 -6.63 -10.66 -14.59
CA VAL B 211 -6.24 -12.05 -14.87
C VAL B 211 -6.81 -12.92 -13.76
N VAL B 212 -7.25 -14.10 -14.12
CA VAL B 212 -7.79 -15.06 -13.16
C VAL B 212 -7.26 -16.45 -13.51
N TRP B 213 -6.69 -17.13 -12.53
CA TRP B 213 -6.21 -18.50 -12.69
C TRP B 213 -6.85 -19.35 -11.61
N GLY B 214 -7.01 -20.65 -11.89
CA GLY B 214 -7.56 -21.56 -10.89
C GLY B 214 -7.03 -22.94 -11.02
N VAL B 215 -7.23 -23.75 -9.98
CA VAL B 215 -6.90 -25.15 -10.06
C VAL B 215 -8.12 -25.93 -9.59
N ASN B 216 -8.31 -27.13 -10.15
CA ASN B 216 -9.42 -27.98 -9.76
C ASN B 216 -8.95 -29.04 -8.76
N ALA B 217 -9.87 -29.84 -8.28
CA ALA B 217 -9.54 -30.76 -7.19
C ALA B 217 -8.45 -31.75 -7.62
N GLY B 218 -8.48 -32.17 -8.88
CA GLY B 218 -7.51 -33.11 -9.41
C GLY B 218 -6.16 -32.54 -9.76
N GLY B 219 -6.03 -31.22 -9.61
CA GLY B 219 -4.76 -30.55 -9.85
C GLY B 219 -4.64 -29.85 -11.19
N GLY B 220 -5.69 -29.96 -11.99
CA GLY B 220 -5.69 -29.34 -13.30
C GLY B 220 -5.71 -27.84 -13.16
N ILE B 221 -4.98 -27.17 -14.04
CA ILE B 221 -4.76 -25.72 -14.00
C ILE B 221 -5.48 -25.02 -15.15
N TYR B 222 -6.14 -23.92 -14.82
CA TYR B 222 -6.91 -23.16 -15.81
C TYR B 222 -6.66 -21.67 -15.69
N ARG B 223 -6.67 -20.99 -16.84
CA ARG B 223 -6.67 -19.52 -16.90
C ARG B 223 -7.98 -19.08 -17.52
N TRP B 224 -8.61 -18.06 -16.95
CA TRP B 224 -9.93 -17.64 -17.45
C TRP B 224 -9.75 -16.93 -18.76
N ILE B 225 -10.55 -17.34 -19.74
CA ILE B 225 -10.46 -16.70 -21.03
C ILE B 225 -11.65 -15.79 -21.15
N ARG B 226 -11.33 -14.53 -21.00
CA ARG B 226 -12.35 -13.55 -20.86
C ARG B 226 -12.74 -13.08 -22.22
N ASP B 227 -11.77 -13.08 -23.12
CA ASP B 227 -12.06 -12.74 -24.49
C ASP B 227 -12.78 -13.91 -25.16
MG MG C . 5.21 16.37 3.61
O4 6YR D . -6.63 31.35 2.44
C4 6YR D . -5.80 32.26 1.71
C3 6YR D . -4.75 31.46 0.93
O3 6YR D . -4.16 30.54 1.74
C2 6YR D . -5.38 30.91 -0.32
O2 6YR D . -4.33 30.23 -1.02
C7 6YR D . -4.50 28.87 -1.25
C5 6YR D . -6.61 33.15 0.82
C6 6YR D . -7.72 33.72 1.65
O5 6YR D . -7.10 32.57 -0.39
C1 6YR D . -5.94 32.08 -1.07
SE 6YR D . -6.66 31.48 -2.79
C8 6YR D . -7.85 30.26 -2.19
O4 6YR E . -9.90 18.94 15.11
C4 6YR E . -10.70 19.89 14.41
C3 6YR E . -10.16 20.01 12.98
O3 6YR E . -8.80 20.23 13.06
C2 6YR E . -10.66 18.90 12.03
O2 6YR E . -10.23 19.23 10.76
C7 6YR E . -9.61 18.33 9.91
C5 6YR E . -12.15 19.48 14.52
C6 6YR E . -12.40 19.03 15.97
O5 6YR E . -12.45 18.49 13.50
C1 6YR E . -12.16 18.96 12.21
SE 6YR E . -12.97 17.63 11.12
C8 6YR E . -14.69 17.49 12.00
O4 6YR F . 3.48 8.49 21.22
C4 6YR F . 2.11 8.79 21.42
C3 6YR F . 1.42 9.12 20.09
O3 6YR F . 2.17 10.17 19.45
C2 6YR F . 1.06 7.87 19.28
O2 6YR F . 0.25 8.35 18.24
C7 6YR F . 0.65 8.02 16.93
C5 6YR F . 1.36 7.72 22.12
C6 6YR F . 2.10 7.38 23.41
O5 6YR F . 1.19 6.61 21.26
C1 6YR F . 0.30 6.91 20.19
SE 6YR F . 0.01 5.27 19.18
C8 6YR F . -1.88 5.29 19.27
O4 6YR G . 20.29 9.24 13.45
C4 6YR G . 19.45 8.67 14.45
C3 6YR G . 18.01 8.58 13.91
O3 6YR G . 17.58 9.85 13.41
C2 6YR G . 17.81 7.35 13.01
O2 6YR G . 16.45 7.26 12.82
C7 6YR G . 15.95 7.22 11.49
C5 6YR G . 19.96 7.33 14.91
C6 6YR G . 21.40 7.44 15.33
O5 6YR G . 19.74 6.39 13.84
C1 6YR G . 18.40 6.14 13.70
SE 6YR G . 18.33 4.64 12.45
C8 6YR G . 18.08 3.25 13.68
O4 6YR H . 23.31 22.15 0.61
C4 6YR H . 24.00 21.23 1.43
C3 6YR H . 23.09 20.02 1.66
O3 6YR H . 21.84 20.44 2.20
C2 6YR H . 23.05 19.14 0.41
O2 6YR H . 22.37 17.96 0.77
C7 6YR H . 21.16 17.62 0.10
C5 6YR H . 25.31 20.78 0.79
C6 6YR H . 26.20 21.97 0.49
O5 6YR H . 25.09 20.03 -0.41
C1 6YR H . 24.46 18.80 -0.05
SE 6YR H . 24.27 17.88 -1.80
C8 6YR H . 26.13 17.42 -1.72
S SO4 I . 4.04 22.55 13.10
O1 SO4 I . 5.37 23.03 12.60
O2 SO4 I . 4.24 22.34 14.56
O3 SO4 I . 3.74 21.20 12.62
O4 SO4 I . 2.96 23.54 12.77
B BO3 J . 16.31 27.48 -15.33
O1 BO3 J . 15.55 28.65 -14.82
O2 BO3 J . 15.40 26.50 -16.00
O3 BO3 J . 17.67 27.66 -15.93
S SO4 K . 7.47 33.68 -2.44
O1 SO4 K . 8.50 34.70 -2.11
O2 SO4 K . 7.00 33.00 -1.22
O3 SO4 K . 7.95 32.69 -3.41
O4 SO4 K . 6.33 34.36 -3.08
MG MG L . -5.13 -17.88 -1.92
O4 6YR M . 5.57 -31.58 -10.29
C4 6YR M . 4.74 -31.96 -11.35
C3 6YR M . 3.68 -30.87 -11.50
O3 6YR M . 3.12 -30.52 -10.28
C2 6YR M . 4.25 -29.67 -12.29
O2 6YR M . 3.15 -28.83 -12.59
C7 6YR M . 3.23 -27.49 -12.21
C5 6YR M . 5.51 -32.19 -12.62
C6 6YR M . 6.61 -33.21 -12.40
O5 6YR M . 6.02 -30.97 -13.13
C1 6YR M . 4.95 -30.19 -13.53
SE 6YR M . 5.71 -28.67 -14.50
C8 6YR M . 6.31 -29.70 -16.00
O4 6YR N . 11.32 -24.62 5.58
C4 6YR N . 11.75 -25.39 4.45
C3 6YR N . 10.97 -24.89 3.24
O3 6YR N . 9.60 -24.88 3.50
C2 6YR N . 11.57 -23.57 2.72
O2 6YR N . 10.94 -23.34 1.50
C7 6YR N . 10.40 -22.06 1.31
C5 6YR N . 13.24 -25.27 4.25
C6 6YR N . 13.93 -25.70 5.53
O5 6YR N . 13.64 -23.97 3.84
C1 6YR N . 13.08 -23.68 2.60
SE 6YR N . 13.81 -21.96 2.09
C8 6YR N . 15.00 -22.64 0.77
O4 6YR O . -0.72 -16.72 16.82
C4 6YR O . 0.64 -17.05 16.79
C3 6YR O . 1.13 -16.93 15.35
O3 6YR O . 0.28 -17.57 14.46
C2 6YR O . 1.41 -15.45 15.02
O2 6YR O . 2.07 -15.46 13.77
C7 6YR O . 1.54 -14.67 12.75
C5 6YR O . 1.46 -16.21 17.75
C6 6YR O . 0.87 -16.29 19.14
O5 6YR O . 1.55 -14.87 17.30
C1 6YR O . 2.25 -14.84 16.11
SE 6YR O . 2.49 -12.94 15.71
C8 6YR O . 3.72 -12.60 17.13
O4 6YR P . -18.23 -15.08 12.04
C4 6YR P . -17.32 -14.87 13.10
C3 6YR P . -15.96 -14.54 12.47
O3 6YR P . -15.59 -15.51 11.53
C2 6YR P . -15.95 -13.09 11.97
O2 6YR P . -14.62 -12.84 11.64
C7 6YR P . -14.35 -12.30 10.38
C5 6YR P . -17.81 -13.76 14.00
C6 6YR P . -19.20 -14.14 14.47
O5 6YR P . -17.80 -12.48 13.36
C1 6YR P . -16.48 -12.15 13.04
SE 6YR P . -16.56 -10.35 12.32
C8 6YR P . -15.85 -9.54 13.88
O4 6YR Q . -23.81 -22.13 -3.93
C4 6YR Q . -24.35 -21.48 -2.80
C3 6YR Q . -23.31 -20.50 -2.26
O3 6YR Q . -22.07 -21.09 -2.16
C2 6YR Q . -23.34 -19.21 -3.10
O2 6YR Q . -22.51 -18.29 -2.40
C7 6YR Q . -21.48 -17.66 -3.13
C5 6YR Q . -25.67 -20.80 -3.11
C6 6YR Q . -26.66 -21.78 -3.69
O5 6YR Q . -25.48 -19.68 -3.96
C1 6YR Q . -24.76 -18.73 -3.25
SE 6YR Q . -24.77 -17.12 -4.36
C8 6YR Q . -26.58 -16.64 -4.00
O4 6YR R . -11.95 -30.03 -15.24
C4 6YR R . -13.33 -29.76 -15.05
C3 6YR R . -13.44 -28.44 -14.30
O3 6YR R . -12.64 -28.45 -13.15
C2 6YR R . -13.21 -27.25 -15.26
O2 6YR R . -13.54 -26.12 -14.52
C7 6YR R . -12.62 -25.06 -14.55
C5 6YR R . -14.05 -29.71 -16.37
C6 6YR R . -13.82 -31.03 -17.06
O5 6YR R . -13.65 -28.60 -17.18
C1 6YR R . -14.05 -27.43 -16.52
SE 6YR R . -13.68 -25.98 -17.76
C8 6YR R . -15.49 -25.62 -18.14
#